data_1J02
#
_entry.id   1J02
#
_cell.length_a   65.370
_cell.length_b   65.370
_cell.length_c   121.010
_cell.angle_alpha   90.00
_cell.angle_beta   90.00
_cell.angle_gamma   120.00
#
_symmetry.space_group_name_H-M   'P 32 2 1'
#
loop_
_entity.id
_entity.type
_entity.pdbx_description
1 polymer 'HEME OXYGENASE 1'
2 non-polymer 'PROTOPORPHYRIN IX CONTAINING FE'
3 non-polymer 'NITRIC OXIDE'
4 water water
#
_entity_poly.entity_id   1
_entity_poly.type   'polypeptide(L)'
_entity_poly.pdbx_seq_one_letter_code
;MERPQLDSMSQDLSEALKEATKEVHIRAENSEFMRNFQKGQVSREGFKLVMASLYHIYTALEEEIERNKQNPVYAPLYFP
EELHRRAALEQDMAFWYGPHWQEAIPYTPATQHYVKRLHEVGGTHPELLVAHAYTRYLGDLSGGQVLKKIAQKAMALPSS
GEGLAFFTFPSIDNPTKFKQLYRARMNTLEMTPEVKHRVTEEAKTAFLLNIELFEELQALLTEEHKDQSPSQTEFLRQRP
ASLVQDTTSAETPRGKSQISTSSSQTP
;
_entity_poly.pdbx_strand_id   A
#
loop_
_chem_comp.id
_chem_comp.type
_chem_comp.name
_chem_comp.formula
HEM non-polymer 'PROTOPORPHYRIN IX CONTAINING FE' 'C34 H32 Fe N4 O4'
NO non-polymer 'NITRIC OXIDE' 'N O'
#
# COMPACT_ATOMS: atom_id res chain seq x y z
N GLN A 11 19.30 3.39 17.29
CA GLN A 11 18.98 3.15 15.86
C GLN A 11 17.68 3.86 15.46
N ASP A 12 17.76 4.70 14.42
CA ASP A 12 16.59 5.43 13.94
C ASP A 12 15.49 4.47 13.50
N LEU A 13 14.24 4.88 13.68
CA LEU A 13 13.11 4.05 13.28
C LEU A 13 13.16 3.67 11.80
N SER A 14 13.52 4.61 10.94
CA SER A 14 13.59 4.33 9.50
C SER A 14 14.54 3.19 9.20
N GLU A 15 15.70 3.18 9.83
CA GLU A 15 16.66 2.12 9.61
C GLU A 15 16.19 0.80 10.24
N ALA A 16 15.53 0.91 11.39
CA ALA A 16 15.03 -0.28 12.07
C ALA A 16 13.96 -0.96 11.21
N LEU A 17 13.12 -0.17 10.57
CA LEU A 17 12.07 -0.72 9.72
C LEU A 17 12.64 -1.37 8.46
N LYS A 18 13.59 -0.71 7.82
CA LYS A 18 14.18 -1.29 6.61
C LYS A 18 14.86 -2.60 6.95
N GLU A 19 15.57 -2.61 8.07
CA GLU A 19 16.29 -3.79 8.52
C GLU A 19 15.32 -4.92 8.88
N ALA A 20 14.25 -4.57 9.59
CA ALA A 20 13.26 -5.55 10.01
C ALA A 20 12.45 -6.17 8.87
N THR A 21 12.21 -5.42 7.80
CA THR A 21 11.40 -5.93 6.70
C THR A 21 12.15 -6.32 5.43
N LYS A 22 13.47 -6.22 5.43
CA LYS A 22 14.21 -6.55 4.23
C LYS A 22 14.09 -8.00 3.78
N GLU A 23 13.97 -8.91 4.74
CA GLU A 23 13.85 -10.32 4.40
C GLU A 23 12.46 -10.64 3.87
N VAL A 24 11.42 -10.19 4.57
CA VAL A 24 10.06 -10.44 4.12
C VAL A 24 9.76 -9.69 2.81
N HIS A 25 10.45 -8.58 2.57
CA HIS A 25 10.22 -7.85 1.33
C HIS A 25 10.66 -8.71 0.15
N ILE A 26 11.77 -9.44 0.34
CA ILE A 26 12.27 -10.33 -0.69
C ILE A 26 11.22 -11.39 -0.99
N ARG A 27 10.62 -11.94 0.06
CA ARG A 27 9.60 -12.97 -0.11
C ARG A 27 8.36 -12.38 -0.79
N ALA A 28 8.02 -11.15 -0.45
CA ALA A 28 6.86 -10.49 -1.03
C ALA A 28 7.03 -10.19 -2.51
N GLU A 29 8.17 -9.64 -2.89
CA GLU A 29 8.40 -9.29 -4.28
C GLU A 29 8.58 -10.53 -5.15
N ASN A 30 8.78 -11.67 -4.51
CA ASN A 30 8.97 -12.90 -5.26
C ASN A 30 7.75 -13.81 -5.18
N SER A 31 6.62 -13.26 -4.76
CA SER A 31 5.39 -14.03 -4.69
C SER A 31 5.03 -14.38 -6.13
N GLU A 32 4.31 -15.49 -6.30
CA GLU A 32 3.92 -15.93 -7.63
C GLU A 32 3.19 -14.86 -8.44
N PHE A 33 2.24 -14.16 -7.83
CA PHE A 33 1.51 -13.13 -8.54
C PHE A 33 2.43 -12.00 -8.99
N MET A 34 3.29 -11.55 -8.08
CA MET A 34 4.23 -10.48 -8.39
C MET A 34 5.29 -10.94 -9.37
N ARG A 35 5.69 -12.20 -9.24
CA ARG A 35 6.68 -12.78 -10.12
C ARG A 35 6.15 -12.74 -11.55
N ASN A 36 4.87 -13.11 -11.72
CA ASN A 36 4.23 -13.10 -13.03
C ASN A 36 4.07 -11.66 -13.51
N PHE A 37 3.63 -10.79 -12.61
CA PHE A 37 3.44 -9.38 -12.94
C PHE A 37 4.74 -8.81 -13.48
N GLN A 38 5.84 -9.10 -12.79
CA GLN A 38 7.16 -8.62 -13.19
C GLN A 38 7.63 -9.18 -14.53
N LYS A 39 7.13 -10.36 -14.90
CA LYS A 39 7.50 -11.00 -16.16
C LYS A 39 6.70 -10.36 -17.29
N GLY A 40 5.72 -9.53 -16.92
CA GLY A 40 4.89 -8.89 -17.90
C GLY A 40 3.63 -9.71 -18.07
N GLN A 41 3.54 -10.79 -17.30
CA GLN A 41 2.37 -11.67 -17.35
C GLN A 41 1.31 -11.19 -16.36
N VAL A 42 0.52 -10.23 -16.80
CA VAL A 42 -0.56 -9.67 -16.00
C VAL A 42 -1.71 -9.37 -16.97
N SER A 43 -2.91 -9.81 -16.62
CA SER A 43 -4.07 -9.61 -17.47
C SER A 43 -5.14 -8.74 -16.80
N ARG A 44 -6.08 -8.24 -17.59
CA ARG A 44 -7.15 -7.39 -17.07
C ARG A 44 -7.87 -8.02 -15.89
N GLU A 45 -8.18 -9.31 -15.98
CA GLU A 45 -8.87 -9.99 -14.89
C GLU A 45 -8.10 -9.92 -13.58
N GLY A 46 -6.83 -10.29 -13.64
CA GLY A 46 -6.00 -10.28 -12.45
C GLY A 46 -5.74 -8.87 -11.95
N PHE A 47 -5.48 -7.95 -12.87
CA PHE A 47 -5.21 -6.57 -12.48
C PHE A 47 -6.41 -5.95 -11.78
N LYS A 48 -7.60 -6.22 -12.30
CA LYS A 48 -8.82 -5.67 -11.70
C LYS A 48 -9.00 -6.20 -10.29
N LEU A 49 -8.67 -7.48 -10.08
CA LEU A 49 -8.80 -8.09 -8.77
C LEU A 49 -7.89 -7.44 -7.74
N VAL A 50 -6.64 -7.20 -8.12
CA VAL A 50 -5.71 -6.60 -7.18
C VAL A 50 -6.02 -5.14 -6.91
N MET A 51 -6.37 -4.38 -7.95
CA MET A 51 -6.69 -2.97 -7.72
C MET A 51 -7.97 -2.79 -6.90
N ALA A 52 -8.95 -3.67 -7.08
CA ALA A 52 -10.18 -3.60 -6.30
C ALA A 52 -9.85 -3.90 -4.85
N SER A 53 -8.94 -4.84 -4.63
CA SER A 53 -8.54 -5.21 -3.27
C SER A 53 -7.81 -4.03 -2.64
N LEU A 54 -6.96 -3.36 -3.41
CA LEU A 54 -6.23 -2.20 -2.88
C LEU A 54 -7.20 -1.07 -2.57
N TYR A 55 -8.27 -0.96 -3.36
CA TYR A 55 -9.26 0.06 -3.08
C TYR A 55 -9.77 -0.10 -1.64
N HIS A 56 -10.11 -1.33 -1.26
CA HIS A 56 -10.61 -1.59 0.08
C HIS A 56 -9.56 -1.34 1.16
N ILE A 57 -8.34 -1.80 0.89
CA ILE A 57 -7.23 -1.64 1.83
C ILE A 57 -6.87 -0.17 2.08
N TYR A 58 -6.70 0.61 1.01
CA TYR A 58 -6.37 2.02 1.20
C TYR A 58 -7.54 2.79 1.79
N THR A 59 -8.77 2.38 1.47
CA THR A 59 -9.91 3.06 2.05
C THR A 59 -9.85 2.91 3.57
N ALA A 60 -9.59 1.70 4.05
CA ALA A 60 -9.50 1.45 5.49
C ALA A 60 -8.32 2.18 6.11
N LEU A 61 -7.15 2.06 5.47
CA LEU A 61 -5.94 2.71 5.97
C LEU A 61 -6.15 4.22 6.11
N GLU A 62 -6.69 4.85 5.07
CA GLU A 62 -6.89 6.28 5.10
C GLU A 62 -7.99 6.74 6.04
N GLU A 63 -8.95 5.86 6.33
CA GLU A 63 -10.01 6.19 7.26
C GLU A 63 -9.38 6.28 8.65
N GLU A 64 -8.46 5.35 8.92
CA GLU A 64 -7.76 5.32 10.20
C GLU A 64 -6.75 6.45 10.30
N ILE A 65 -6.17 6.85 9.17
CA ILE A 65 -5.22 7.95 9.19
C ILE A 65 -5.99 9.23 9.56
N GLU A 66 -7.16 9.42 8.96
CA GLU A 66 -7.97 10.60 9.26
C GLU A 66 -8.37 10.59 10.73
N ARG A 67 -8.75 9.42 11.24
CA ARG A 67 -9.16 9.30 12.65
C ARG A 67 -8.03 9.70 13.59
N ASN A 68 -6.79 9.44 13.17
CA ASN A 68 -5.62 9.73 13.99
C ASN A 68 -4.72 10.86 13.49
N LYS A 69 -5.21 11.69 12.58
CA LYS A 69 -4.37 12.76 12.04
C LYS A 69 -3.77 13.70 13.07
N GLN A 70 -4.50 13.95 14.15
CA GLN A 70 -4.04 14.84 15.22
C GLN A 70 -3.33 14.12 16.36
N ASN A 71 -3.20 12.81 16.25
CA ASN A 71 -2.53 12.02 17.29
C ASN A 71 -1.02 12.08 17.07
N PRO A 72 -0.27 12.57 18.08
CA PRO A 72 1.19 12.69 18.04
C PRO A 72 1.95 11.45 17.60
N VAL A 73 1.36 10.27 17.81
CA VAL A 73 2.04 9.04 17.42
C VAL A 73 1.99 8.81 15.91
N TYR A 74 1.26 9.65 15.19
CA TYR A 74 1.16 9.51 13.73
C TYR A 74 1.29 10.83 12.97
N ALA A 75 0.71 11.89 13.55
CA ALA A 75 0.67 13.22 12.93
C ALA A 75 1.83 13.69 12.05
N PRO A 76 3.08 13.49 12.48
CA PRO A 76 4.20 13.93 11.63
C PRO A 76 4.20 13.31 10.23
N LEU A 77 3.49 12.19 10.07
CA LEU A 77 3.43 11.50 8.79
C LEU A 77 2.12 11.73 8.04
N TYR A 78 1.35 12.73 8.47
CA TYR A 78 0.09 13.04 7.84
C TYR A 78 0.31 13.81 6.53
N PHE A 79 0.29 13.09 5.41
CA PHE A 79 0.52 13.67 4.08
C PHE A 79 -0.61 13.30 3.12
N PRO A 80 -1.84 13.74 3.40
CA PRO A 80 -2.94 13.39 2.48
C PRO A 80 -2.79 13.84 1.03
N GLU A 81 -2.37 15.09 0.82
CA GLU A 81 -2.22 15.62 -0.53
C GLU A 81 -1.20 14.85 -1.37
N GLU A 82 -0.07 14.52 -0.75
CA GLU A 82 0.99 13.81 -1.44
C GLU A 82 0.80 12.32 -1.60
N LEU A 83 0.33 11.67 -0.54
CA LEU A 83 0.23 10.22 -0.57
C LEU A 83 -1.10 9.48 -0.71
N HIS A 84 -2.16 9.99 -0.09
CA HIS A 84 -3.42 9.28 -0.14
C HIS A 84 -3.86 8.82 -1.52
N ARG A 85 -4.27 7.56 -1.58
CA ARG A 85 -4.66 6.87 -2.79
C ARG A 85 -6.14 6.60 -3.03
N ARG A 86 -6.99 6.77 -2.02
CA ARG A 86 -8.42 6.54 -2.15
C ARG A 86 -9.04 7.16 -3.41
N ALA A 87 -8.83 8.47 -3.56
CA ALA A 87 -9.39 9.18 -4.70
C ALA A 87 -8.93 8.59 -6.02
N ALA A 88 -7.63 8.33 -6.11
CA ALA A 88 -7.06 7.74 -7.33
C ALA A 88 -7.66 6.38 -7.61
N LEU A 89 -7.82 5.57 -6.57
CA LEU A 89 -8.38 4.22 -6.73
C LEU A 89 -9.84 4.28 -7.18
N GLU A 90 -10.58 5.28 -6.73
CA GLU A 90 -11.96 5.42 -7.14
C GLU A 90 -12.01 5.69 -8.65
N GLN A 91 -11.07 6.48 -9.14
CA GLN A 91 -10.99 6.79 -10.57
C GLN A 91 -10.66 5.51 -11.35
N ASP A 92 -9.73 4.73 -10.81
CA ASP A 92 -9.34 3.48 -11.45
C ASP A 92 -10.49 2.47 -11.43
N MET A 93 -11.25 2.43 -10.35
CA MET A 93 -12.37 1.50 -10.26
C MET A 93 -13.44 1.84 -11.30
N ALA A 94 -13.67 3.13 -11.51
CA ALA A 94 -14.67 3.54 -12.50
C ALA A 94 -14.18 3.17 -13.89
N PHE A 95 -12.87 3.27 -14.09
CA PHE A 95 -12.25 2.94 -15.37
C PHE A 95 -12.34 1.45 -15.68
N TRP A 96 -11.96 0.61 -14.71
CA TRP A 96 -11.98 -0.83 -14.92
C TRP A 96 -13.33 -1.51 -14.75
N TYR A 97 -14.12 -1.04 -13.78
CA TYR A 97 -15.41 -1.66 -13.50
C TYR A 97 -16.64 -0.88 -13.98
N GLY A 98 -16.43 0.34 -14.47
CA GLY A 98 -17.55 1.12 -14.97
C GLY A 98 -18.19 2.05 -13.96
N PRO A 99 -19.27 2.76 -14.35
CA PRO A 99 -20.02 3.71 -13.53
C PRO A 99 -20.53 3.15 -12.21
N HIS A 100 -20.95 1.89 -12.21
CA HIS A 100 -21.47 1.27 -10.99
C HIS A 100 -20.47 0.28 -10.39
N TRP A 101 -19.21 0.69 -10.32
CA TRP A 101 -18.18 -0.17 -9.76
C TRP A 101 -18.45 -0.49 -8.29
N GLN A 102 -19.16 0.41 -7.62
CA GLN A 102 -19.47 0.22 -6.21
C GLN A 102 -20.05 -1.16 -5.89
N GLU A 103 -21.04 -1.58 -6.67
CA GLU A 103 -21.65 -2.89 -6.43
C GLU A 103 -21.15 -3.98 -7.37
N ALA A 104 -20.00 -3.74 -7.98
CA ALA A 104 -19.43 -4.72 -8.90
C ALA A 104 -18.08 -5.25 -8.41
N ILE A 105 -17.33 -4.42 -7.68
CA ILE A 105 -16.03 -4.84 -7.21
C ILE A 105 -16.05 -5.92 -6.13
N PRO A 106 -15.06 -6.82 -6.16
CA PRO A 106 -14.97 -7.91 -5.19
C PRO A 106 -14.34 -7.44 -3.88
N TYR A 107 -14.61 -8.18 -2.81
CA TYR A 107 -14.07 -7.90 -1.48
C TYR A 107 -13.68 -9.27 -0.95
N THR A 108 -12.49 -9.74 -1.35
CA THR A 108 -12.01 -11.06 -0.96
C THR A 108 -11.72 -11.22 0.53
N PRO A 109 -11.74 -12.49 1.01
CA PRO A 109 -11.47 -12.78 2.42
C PRO A 109 -10.13 -12.25 2.90
N ALA A 110 -9.09 -12.40 2.09
CA ALA A 110 -7.76 -11.93 2.46
C ALA A 110 -7.77 -10.40 2.53
N THR A 111 -8.56 -9.77 1.68
CA THR A 111 -8.67 -8.32 1.68
C THR A 111 -9.40 -7.90 2.96
N GLN A 112 -10.43 -8.66 3.32
CA GLN A 112 -11.19 -8.36 4.54
C GLN A 112 -10.31 -8.52 5.77
N HIS A 113 -9.40 -9.49 5.74
CA HIS A 113 -8.51 -9.74 6.86
C HIS A 113 -7.55 -8.56 7.06
N TYR A 114 -7.04 -8.06 5.94
CA TYR A 114 -6.11 -6.92 5.94
C TYR A 114 -6.84 -5.70 6.52
N VAL A 115 -8.05 -5.44 6.00
CA VAL A 115 -8.86 -4.32 6.45
C VAL A 115 -9.17 -4.43 7.95
N LYS A 116 -9.43 -5.65 8.41
CA LYS A 116 -9.72 -5.88 9.82
C LYS A 116 -8.55 -5.44 10.69
N ARG A 117 -7.34 -5.84 10.32
CA ARG A 117 -6.17 -5.47 11.10
C ARG A 117 -5.96 -3.96 11.07
N LEU A 118 -6.21 -3.35 9.91
CA LEU A 118 -6.05 -1.90 9.81
C LEU A 118 -6.96 -1.17 10.78
N HIS A 119 -8.20 -1.62 10.90
CA HIS A 119 -9.12 -0.97 11.82
C HIS A 119 -8.75 -1.25 13.28
N GLU A 120 -8.17 -2.41 13.54
CA GLU A 120 -7.76 -2.75 14.91
C GLU A 120 -6.64 -1.81 15.30
N VAL A 121 -5.67 -1.64 14.40
CA VAL A 121 -4.54 -0.76 14.65
C VAL A 121 -4.99 0.68 14.81
N GLY A 122 -5.77 1.17 13.85
CA GLY A 122 -6.23 2.54 13.91
C GLY A 122 -7.10 2.87 15.10
N GLY A 123 -7.96 1.94 15.51
CA GLY A 123 -8.82 2.22 16.64
C GLY A 123 -8.27 1.85 18.00
N THR A 124 -7.44 0.82 18.06
CA THR A 124 -6.90 0.34 19.34
C THR A 124 -5.40 0.52 19.56
N HIS A 125 -4.61 0.40 18.50
CA HIS A 125 -3.15 0.52 18.61
C HIS A 125 -2.62 1.58 17.62
N PRO A 126 -3.13 2.82 17.69
CA PRO A 126 -2.66 3.86 16.76
C PRO A 126 -1.17 4.12 16.67
N GLU A 127 -0.43 3.79 17.72
CA GLU A 127 1.02 3.99 17.71
C GLU A 127 1.68 3.07 16.68
N LEU A 128 0.92 2.09 16.21
CA LEU A 128 1.45 1.16 15.20
C LEU A 128 1.00 1.50 13.79
N LEU A 129 0.16 2.51 13.64
CA LEU A 129 -0.34 2.88 12.31
C LEU A 129 0.80 3.20 11.34
N VAL A 130 1.84 3.86 11.83
CA VAL A 130 3.00 4.20 11.00
C VAL A 130 3.54 2.97 10.26
N ALA A 131 3.49 1.81 10.90
CA ALA A 131 3.97 0.59 10.25
C ALA A 131 3.21 0.28 8.97
N HIS A 132 1.90 0.51 8.99
CA HIS A 132 1.05 0.24 7.85
C HIS A 132 1.16 1.29 6.74
N ALA A 133 1.35 2.55 7.12
CA ALA A 133 1.51 3.61 6.12
C ALA A 133 2.87 3.41 5.46
N TYR A 134 3.87 3.11 6.26
CA TYR A 134 5.23 2.87 5.77
C TYR A 134 5.25 1.75 4.73
N THR A 135 4.68 0.61 5.10
CA THR A 135 4.64 -0.56 4.23
C THR A 135 3.98 -0.30 2.90
N ARG A 136 2.83 0.37 2.91
CA ARG A 136 2.14 0.62 1.66
C ARG A 136 2.68 1.81 0.86
N TYR A 137 2.68 3.00 1.45
CA TYR A 137 3.14 4.18 0.71
C TYR A 137 4.58 4.18 0.22
N LEU A 138 5.54 3.77 1.03
CA LEU A 138 6.92 3.77 0.55
C LEU A 138 7.11 2.75 -0.56
N GLY A 139 6.33 1.68 -0.53
CA GLY A 139 6.42 0.69 -1.58
C GLY A 139 5.84 1.24 -2.87
N ASP A 140 4.74 1.96 -2.76
CA ASP A 140 4.10 2.55 -3.93
C ASP A 140 5.06 3.50 -4.64
N LEU A 141 5.92 4.15 -3.86
CA LEU A 141 6.88 5.10 -4.42
C LEU A 141 8.17 4.43 -4.86
N SER A 142 8.22 3.10 -4.75
CA SER A 142 9.40 2.36 -5.14
C SER A 142 9.06 1.32 -6.19
N GLY A 143 8.87 0.07 -5.77
CA GLY A 143 8.53 -0.98 -6.71
C GLY A 143 7.25 -0.69 -7.46
N GLY A 144 6.30 -0.03 -6.81
CA GLY A 144 5.05 0.30 -7.46
C GLY A 144 5.26 1.08 -8.75
N GLN A 145 6.34 1.87 -8.81
CA GLN A 145 6.61 2.65 -10.02
C GLN A 145 7.12 1.76 -11.15
N VAL A 146 7.80 0.68 -10.81
CA VAL A 146 8.29 -0.24 -11.82
C VAL A 146 7.07 -1.01 -12.33
N LEU A 147 6.20 -1.41 -11.42
CA LEU A 147 4.99 -2.15 -11.78
C LEU A 147 4.10 -1.33 -12.70
N LYS A 148 4.05 -0.02 -12.47
CA LYS A 148 3.24 0.85 -13.30
C LYS A 148 3.69 0.75 -14.76
N LYS A 149 4.99 0.82 -14.98
CA LYS A 149 5.54 0.74 -16.34
C LYS A 149 5.27 -0.62 -16.98
N ILE A 150 5.35 -1.69 -16.18
CA ILE A 150 5.09 -3.02 -16.69
C ILE A 150 3.62 -3.17 -17.08
N ALA A 151 2.74 -2.58 -16.26
CA ALA A 151 1.31 -2.64 -16.51
C ALA A 151 0.95 -1.90 -17.81
N GLN A 152 1.53 -0.73 -18.01
CA GLN A 152 1.26 0.05 -19.22
C GLN A 152 1.59 -0.72 -20.47
N LYS A 153 2.77 -1.35 -20.48
CA LYS A 153 3.24 -2.10 -21.62
C LYS A 153 2.42 -3.35 -21.86
N ALA A 154 2.20 -4.12 -20.79
CA ALA A 154 1.45 -5.36 -20.89
C ALA A 154 0.00 -5.20 -21.36
N MET A 155 -0.73 -4.28 -20.73
CA MET A 155 -2.14 -4.10 -21.06
C MET A 155 -2.48 -2.95 -21.99
N ALA A 156 -1.47 -2.31 -22.55
CA ALA A 156 -1.69 -1.21 -23.48
C ALA A 156 -2.43 -0.04 -22.84
N LEU A 157 -1.96 0.40 -21.68
CA LEU A 157 -2.59 1.52 -20.99
C LEU A 157 -1.89 2.79 -21.47
N PRO A 158 -2.66 3.85 -21.74
CA PRO A 158 -2.15 5.14 -22.22
C PRO A 158 -1.22 5.90 -21.28
N SER A 159 -0.28 6.62 -21.85
CA SER A 159 0.66 7.41 -21.07
C SER A 159 -0.11 8.48 -20.29
N SER A 160 -1.32 8.78 -20.75
CA SER A 160 -2.15 9.80 -20.10
C SER A 160 -2.57 9.41 -18.68
N GLY A 161 -2.38 8.15 -18.32
CA GLY A 161 -2.69 7.72 -16.96
C GLY A 161 -3.99 7.01 -16.63
N GLU A 162 -4.96 7.02 -17.53
CA GLU A 162 -6.22 6.35 -17.25
C GLU A 162 -5.98 4.90 -16.86
N GLY A 163 -6.65 4.46 -15.79
CA GLY A 163 -6.52 3.10 -15.33
C GLY A 163 -5.36 2.83 -14.39
N LEU A 164 -4.46 3.80 -14.26
CA LEU A 164 -3.28 3.67 -13.41
C LEU A 164 -3.10 4.87 -12.48
N ALA A 165 -4.20 5.52 -12.13
CA ALA A 165 -4.16 6.67 -11.23
C ALA A 165 -3.49 6.32 -9.91
N PHE A 166 -3.72 5.09 -9.45
CA PHE A 166 -3.13 4.63 -8.19
C PHE A 166 -1.62 4.77 -8.16
N PHE A 167 -0.99 4.50 -9.29
CA PHE A 167 0.47 4.55 -9.38
C PHE A 167 1.03 5.92 -9.70
N THR A 168 0.15 6.90 -9.81
CA THR A 168 0.56 8.26 -10.15
C THR A 168 0.44 9.20 -8.97
N PHE A 169 1.52 9.93 -8.68
CA PHE A 169 1.54 10.88 -7.56
C PHE A 169 1.81 12.29 -8.09
N PRO A 170 0.76 12.97 -8.57
CA PRO A 170 0.86 14.32 -9.12
C PRO A 170 1.34 15.40 -8.14
N SER A 171 1.33 15.10 -6.85
CA SER A 171 1.77 16.07 -5.85
C SER A 171 3.18 15.81 -5.35
N ILE A 172 3.83 14.81 -5.91
CA ILE A 172 5.20 14.46 -5.54
C ILE A 172 6.07 14.56 -6.79
N ASP A 173 6.91 15.59 -6.85
CA ASP A 173 7.78 15.78 -8.00
C ASP A 173 8.89 14.73 -8.09
N ASN A 174 9.48 14.40 -6.95
CA ASN A 174 10.57 13.43 -6.91
C ASN A 174 10.37 12.39 -5.81
N PRO A 175 9.85 11.20 -6.18
CA PRO A 175 9.62 10.12 -5.21
C PRO A 175 10.82 9.82 -4.32
N THR A 176 12.02 9.87 -4.90
CA THR A 176 13.24 9.59 -4.14
C THR A 176 13.45 10.62 -3.03
N LYS A 177 13.26 11.89 -3.36
CA LYS A 177 13.43 12.95 -2.37
C LYS A 177 12.34 12.88 -1.32
N PHE A 178 11.11 12.60 -1.75
CA PHE A 178 10.01 12.51 -0.80
C PHE A 178 10.20 11.35 0.17
N LYS A 179 10.71 10.22 -0.31
CA LYS A 179 10.92 9.09 0.58
C LYS A 179 11.95 9.46 1.64
N GLN A 180 12.97 10.23 1.26
CA GLN A 180 13.98 10.65 2.21
C GLN A 180 13.36 11.54 3.28
N LEU A 181 12.46 12.42 2.83
CA LEU A 181 11.77 13.33 3.73
C LEU A 181 10.90 12.53 4.69
N TYR A 182 10.18 11.55 4.15
CA TYR A 182 9.30 10.72 4.96
C TYR A 182 10.08 9.91 5.99
N ARG A 183 11.20 9.33 5.58
CA ARG A 183 12.02 8.55 6.51
C ARG A 183 12.51 9.46 7.64
N ALA A 184 12.96 10.65 7.29
CA ALA A 184 13.44 11.60 8.29
C ALA A 184 12.31 11.92 9.26
N ARG A 185 11.11 12.13 8.74
CA ARG A 185 9.98 12.47 9.59
C ARG A 185 9.61 11.31 10.51
N MET A 186 9.69 10.07 10.05
CA MET A 186 9.39 8.94 10.91
C MET A 186 10.35 8.93 12.10
N ASN A 187 11.55 9.44 11.86
CA ASN A 187 12.57 9.47 12.91
C ASN A 187 12.36 10.56 13.95
N THR A 188 11.33 11.39 13.74
CA THR A 188 11.03 12.45 14.71
C THR A 188 9.92 11.99 15.65
N LEU A 189 9.30 10.86 15.34
CA LEU A 189 8.24 10.34 16.19
C LEU A 189 8.81 9.98 17.57
N GLU A 190 7.98 10.12 18.60
CA GLU A 190 8.38 9.80 19.95
C GLU A 190 8.68 8.29 19.94
N MET A 191 9.90 7.93 20.29
CA MET A 191 10.30 6.53 20.28
C MET A 191 10.85 6.01 21.59
N THR A 192 10.40 4.81 21.94
CA THR A 192 10.84 4.11 23.14
C THR A 192 11.11 2.70 22.65
N PRO A 193 11.86 1.91 23.43
CA PRO A 193 12.14 0.54 22.99
C PRO A 193 10.86 -0.23 22.69
N GLU A 194 9.85 -0.05 23.53
CA GLU A 194 8.57 -0.74 23.35
C GLU A 194 7.89 -0.38 22.03
N VAL A 195 7.79 0.91 21.75
CA VAL A 195 7.13 1.31 20.51
C VAL A 195 7.94 0.88 19.28
N LYS A 196 9.26 1.07 19.34
CA LYS A 196 10.11 0.68 18.20
C LYS A 196 9.99 -0.81 17.89
N HIS A 197 10.04 -1.63 18.93
CA HIS A 197 9.94 -3.08 18.79
C HIS A 197 8.64 -3.49 18.12
N ARG A 198 7.53 -2.96 18.62
CA ARG A 198 6.22 -3.31 18.08
C ARG A 198 5.92 -2.73 16.71
N VAL A 199 6.45 -1.53 16.42
CA VAL A 199 6.24 -0.94 15.11
C VAL A 199 6.93 -1.80 14.04
N THR A 200 8.14 -2.29 14.32
CA THR A 200 8.83 -3.11 13.33
C THR A 200 8.14 -4.46 13.18
N GLU A 201 7.58 -4.96 14.28
CA GLU A 201 6.85 -6.23 14.21
C GLU A 201 5.59 -6.04 13.39
N GLU A 202 4.90 -4.92 13.59
CA GLU A 202 3.67 -4.68 12.83
C GLU A 202 3.97 -4.51 11.34
N ALA A 203 5.15 -3.97 11.02
CA ALA A 203 5.52 -3.78 9.62
C ALA A 203 5.69 -5.16 8.99
N LYS A 204 6.27 -6.09 9.74
CA LYS A 204 6.43 -7.45 9.22
C LYS A 204 5.05 -8.05 8.96
N THR A 205 4.12 -7.79 9.86
CA THR A 205 2.76 -8.28 9.73
C THR A 205 2.10 -7.67 8.50
N ALA A 206 2.32 -6.39 8.28
CA ALA A 206 1.75 -5.72 7.11
C ALA A 206 2.24 -6.41 5.85
N PHE A 207 3.53 -6.72 5.79
CA PHE A 207 4.07 -7.39 4.61
C PHE A 207 3.42 -8.75 4.44
N LEU A 208 3.23 -9.47 5.54
CA LEU A 208 2.60 -10.79 5.45
C LEU A 208 1.16 -10.69 4.95
N LEU A 209 0.44 -9.67 5.38
CA LEU A 209 -0.94 -9.48 4.93
C LEU A 209 -0.96 -9.29 3.42
N ASN A 210 0.06 -8.61 2.89
CA ASN A 210 0.14 -8.39 1.46
C ASN A 210 0.45 -9.69 0.76
N ILE A 211 1.41 -10.44 1.30
CA ILE A 211 1.78 -11.72 0.70
C ILE A 211 0.55 -12.64 0.65
N GLU A 212 -0.19 -12.71 1.75
CA GLU A 212 -1.38 -13.56 1.80
C GLU A 212 -2.44 -13.11 0.79
N LEU A 213 -2.54 -11.80 0.58
CA LEU A 213 -3.49 -11.29 -0.40
C LEU A 213 -3.09 -11.77 -1.79
N PHE A 214 -1.81 -11.61 -2.13
CA PHE A 214 -1.33 -12.04 -3.44
C PHE A 214 -1.49 -13.53 -3.65
N GLU A 215 -1.20 -14.32 -2.61
CA GLU A 215 -1.34 -15.77 -2.73
C GLU A 215 -2.81 -16.10 -3.00
N GLU A 216 -3.71 -15.37 -2.35
CA GLU A 216 -5.14 -15.59 -2.52
C GLU A 216 -5.61 -15.21 -3.93
N LEU A 217 -5.15 -14.06 -4.42
CA LEU A 217 -5.56 -13.62 -5.74
C LEU A 217 -5.03 -14.55 -6.82
N GLN A 218 -3.82 -15.04 -6.64
CA GLN A 218 -3.21 -15.95 -7.60
C GLN A 218 -4.02 -17.24 -7.69
N ALA A 219 -4.49 -17.71 -6.53
CA ALA A 219 -5.29 -18.93 -6.49
C ALA A 219 -6.64 -18.72 -7.18
N LEU A 220 -7.26 -17.56 -6.95
CA LEU A 220 -8.54 -17.25 -7.56
C LEU A 220 -8.45 -17.22 -9.08
N LEU A 221 -7.30 -16.75 -9.59
CA LEU A 221 -7.08 -16.69 -11.02
C LEU A 221 -6.81 -18.07 -11.59
N THR A 222 -6.23 -18.93 -10.75
CA THR A 222 -5.91 -20.29 -11.15
C THR A 222 -7.06 -21.23 -10.82
CHA HEM B . 11.33 -0.55 -1.27
CHB HEM B . 11.14 -3.12 -5.34
CHC HEM B . 7.05 -5.23 -3.79
CHD HEM B . 7.04 -2.37 0.06
C1A HEM B . 11.65 -1.05 -2.53
C2A HEM B . 12.82 -0.66 -3.30
C3A HEM B . 12.72 -1.33 -4.49
C4A HEM B . 11.54 -2.20 -4.38
CMA HEM B . 13.62 -1.24 -5.70
CAA HEM B . 13.92 0.30 -2.84
CBA HEM B . 13.55 1.82 -2.87
CGA HEM B . 14.38 2.69 -2.08
O1A HEM B . 13.92 3.89 -1.92
O2A HEM B . 15.47 2.36 -1.56
C1B HEM B . 9.95 -3.86 -5.31
C2B HEM B . 9.46 -4.67 -6.43
C3B HEM B . 8.42 -5.39 -5.94
C4B HEM B . 8.13 -4.85 -4.60
CMB HEM B . 10.05 -4.65 -7.82
CAB HEM B . 7.67 -6.54 -6.57
CBB HEM B . 6.43 -6.10 -7.35
C1C HEM B . 6.71 -4.68 -2.58
C2C HEM B . 5.57 -5.08 -1.78
C3C HEM B . 5.61 -4.29 -0.68
C4C HEM B . 6.72 -3.38 -0.83
CMC HEM B . 4.60 -6.19 -2.14
CAC HEM B . 4.67 -4.33 0.54
CBC HEM B . 3.26 -3.75 0.23
C1D HEM B . 8.25 -1.64 0.07
C2D HEM B . 8.64 -0.72 1.14
C3D HEM B . 9.82 -0.17 0.73
C4D HEM B . 10.17 -0.82 -0.55
CMD HEM B . 7.84 -0.50 2.38
CAD HEM B . 10.68 0.88 1.39
CBD HEM B . 11.86 0.26 2.27
CGD HEM B . 12.62 1.25 2.94
O1D HEM B . 12.67 1.24 4.21
O2D HEM B . 13.25 2.13 2.30
NA HEM B . 10.87 -1.98 -3.20
NB HEM B . 9.07 -3.90 -4.24
NC HEM B . 7.45 -3.65 -1.96
ND HEM B . 9.20 -1.70 -0.93
FE HEM B . 9.15 -2.82 -2.58
N NO C . 7.92 -1.46 -3.61
O NO C . 6.95 -1.75 -4.16
N NO D . 6.33 -14.54 5.99
O NO D . 6.36 -14.76 4.86
#